data_6ILQ
#
_entry.id   6ILQ
#
_cell.length_a   53.647
_cell.length_b   85.257
_cell.length_c   122.844
_cell.angle_alpha   90.00
_cell.angle_beta   90.00
_cell.angle_gamma   90.00
#
_symmetry.space_group_name_H-M   'C 2 2 21'
#
loop_
_entity.id
_entity.type
_entity.pdbx_description
1 polymer 'Peroxisome proliferator-activated receptor gamma'
2 polymer 'Nuclear receptor coactivator 1'
3 non-polymer "ethyl [2-butyl-6-oxo-1-{[2'-(5-oxo-4,5-dihydro-1,2,4-oxadiazol-3-yl)[1,1'-biphenyl]-4-yl]methyl}-4-(propan-2-yl)-1,6-dihydropyrimidin-5-yl]acetate"
4 water water
#
loop_
_entity_poly.entity_id
_entity_poly.type
_entity_poly.pdbx_seq_one_letter_code
_entity_poly.pdbx_strand_id
1 'polypeptide(L)'
;PESADLRALAKHLYDSYIKSFPLTKAKARAILTGKTTDKSPFVIYDMNSLMMGEDKIKFKHITPLQEQSKEVAIRIFQGC
QFRSVEAVQEITEYAKSIPGFVNLDLNDQVTLLKYGVHEIIYTMLASLMNKDGVLISEGQGFMTREFLKSLRKPFGDFME
PKFEFAVKFNALELDDSDLAIFIAVIILSGDRPGLLNVKPIEDIQDNLLQALELQLKLNHPESSQLFAKLLQKMTDLRQI
VTEHVQLLQVIKKTETDMSLHPLLQEIYKDLY
;
A
2 'polypeptide(L)' CPSSHSSLTERHKILHRLLQEGSPS B
#
loop_
_chem_comp.id
_chem_comp.type
_chem_comp.name
_chem_comp.formula
AE0 non-polymer 'ethyl [2-butyl-6-oxo-1-{[2'-(5-oxo-4,5-dihydro-1,2,4-oxadiazol-3-yl)[1,1'-biphenyl]-4-yl]methyl}-4-(propan-2-yl)-1,6-dihydropyrimidin-5-yl]acetate' 'C30 H34 N4 O5'
#
# COMPACT_ATOMS: atom_id res chain seq x y z
N GLU A 2 23.53 -10.05 14.94
CA GLU A 2 22.63 -8.91 15.13
C GLU A 2 23.31 -7.63 14.64
N SER A 3 22.50 -6.62 14.34
CA SER A 3 22.95 -5.30 13.92
C SER A 3 23.58 -5.35 12.53
N ALA A 4 24.71 -6.04 12.39
CA ALA A 4 25.28 -6.30 11.08
C ALA A 4 24.33 -7.15 10.24
N ASP A 5 23.60 -8.05 10.87
CA ASP A 5 22.59 -8.86 10.19
C ASP A 5 21.31 -8.08 9.97
N LEU A 6 20.98 -7.17 10.88
CA LEU A 6 19.84 -6.29 10.67
C LEU A 6 20.06 -5.39 9.46
N ARG A 7 21.31 -4.95 9.23
CA ARG A 7 21.62 -4.13 8.06
C ARG A 7 21.55 -4.94 6.78
N ALA A 8 21.99 -6.20 6.82
CA ALA A 8 21.88 -7.08 5.65
C ALA A 8 20.44 -7.28 5.24
N LEU A 9 19.54 -7.44 6.23
CA LEU A 9 18.11 -7.62 5.95
C LEU A 9 17.49 -6.37 5.36
N ALA A 10 17.91 -5.19 5.84
CA ALA A 10 17.43 -3.95 5.25
C ALA A 10 17.83 -3.83 3.77
N LYS A 11 19.08 -4.18 3.44
CA LYS A 11 19.52 -4.16 2.04
C LYS A 11 18.75 -5.17 1.21
N HIS A 12 18.54 -6.37 1.77
CA HIS A 12 17.80 -7.40 1.05
C HIS A 12 16.39 -6.93 0.71
N LEU A 13 15.69 -6.34 1.70
CA LEU A 13 14.33 -5.87 1.46
C LEU A 13 14.31 -4.70 0.49
N TYR A 14 15.26 -3.77 0.62
CA TYR A 14 15.32 -2.65 -0.32
C TYR A 14 15.48 -3.15 -1.75
N ASP A 15 16.42 -4.08 -1.96
CA ASP A 15 16.61 -4.68 -3.29
C ASP A 15 15.32 -5.28 -3.81
N SER A 16 14.71 -6.16 -3.01
CA SER A 16 13.45 -6.79 -3.40
C SER A 16 12.38 -5.75 -3.74
N TYR A 17 12.30 -4.68 -2.97
CA TYR A 17 11.28 -3.66 -3.18
C TYR A 17 11.54 -2.92 -4.49
N ILE A 18 12.80 -2.64 -4.80
CA ILE A 18 13.16 -2.02 -6.07
C ILE A 18 12.76 -2.94 -7.22
N LYS A 19 12.86 -4.25 -7.02
CA LYS A 19 12.57 -5.21 -8.06
C LYS A 19 11.07 -5.42 -8.29
N SER A 20 10.23 -5.20 -7.26
CA SER A 20 8.83 -5.55 -7.36
C SER A 20 7.92 -4.40 -7.79
N PHE A 21 8.29 -3.14 -7.55
CA PHE A 21 7.39 -2.00 -7.72
C PHE A 21 7.92 -1.07 -8.81
N PRO A 22 7.07 -0.61 -9.72
CA PRO A 22 7.60 0.15 -10.87
C PRO A 22 8.02 1.56 -10.51
N LEU A 23 7.29 2.22 -9.64
CA LEU A 23 7.52 3.63 -9.33
C LEU A 23 8.00 3.75 -7.88
N THR A 24 9.26 4.12 -7.73
CA THR A 24 9.79 4.41 -6.40
C THR A 24 9.34 5.79 -5.93
N LYS A 25 9.41 5.99 -4.61
CA LYS A 25 9.17 7.33 -4.08
C LYS A 25 10.16 8.34 -4.65
N ALA A 26 11.41 7.93 -4.85
CA ALA A 26 12.39 8.88 -5.39
C ALA A 26 12.00 9.37 -6.79
N LYS A 27 11.53 8.47 -7.66
CA LYS A 27 11.09 8.95 -8.98
C LYS A 27 9.83 9.81 -8.85
N ALA A 28 8.81 9.31 -8.13
CA ALA A 28 7.55 10.04 -7.99
C ALA A 28 7.76 11.47 -7.50
N ARG A 29 8.58 11.65 -6.46
CA ARG A 29 8.83 13.00 -5.94
CA ARG A 29 8.80 13.00 -5.94
C ARG A 29 9.46 13.88 -7.00
N ALA A 30 10.43 13.35 -7.74
CA ALA A 30 11.09 14.16 -8.75
C ALA A 30 10.12 14.54 -9.87
N ILE A 31 9.16 13.68 -10.17
CA ILE A 31 8.11 14.03 -11.12
C ILE A 31 7.21 15.09 -10.52
N LEU A 32 6.85 14.96 -9.25
CA LEU A 32 5.90 15.91 -8.68
C LEU A 32 6.50 17.30 -8.58
N THR A 33 7.81 17.39 -8.38
CA THR A 33 8.50 18.65 -8.25
C THR A 33 9.03 19.19 -9.57
N GLY A 34 8.74 18.52 -10.69
CA GLY A 34 9.21 18.97 -11.98
C GLY A 34 10.70 18.81 -12.23
N LYS A 35 11.45 18.26 -11.27
CA LYS A 35 12.89 18.11 -11.42
C LYS A 35 13.26 17.04 -12.44
N THR A 36 12.30 16.23 -12.89
CA THR A 36 12.57 15.21 -13.89
C THR A 36 12.70 15.85 -15.28
N THR A 37 13.48 15.20 -16.15
CA THR A 37 13.57 15.66 -17.53
C THR A 37 12.59 14.90 -18.42
N SER A 40 6.77 15.15 -18.47
CA SER A 40 5.67 15.85 -17.81
C SER A 40 4.31 15.15 -18.05
N PRO A 41 3.63 14.73 -16.98
CA PRO A 41 2.42 13.92 -17.15
C PRO A 41 1.24 14.73 -17.63
N PHE A 42 0.35 14.04 -18.35
CA PHE A 42 -0.95 14.60 -18.67
C PHE A 42 -1.71 14.89 -17.38
N VAL A 43 -2.43 16.00 -17.37
CA VAL A 43 -3.07 16.52 -16.19
C VAL A 43 -4.57 16.39 -16.41
N ILE A 44 -5.22 15.62 -15.54
CA ILE A 44 -6.65 15.39 -15.59
C ILE A 44 -7.30 16.25 -14.52
N TYR A 45 -8.16 17.15 -14.93
CA TYR A 45 -8.85 18.01 -13.99
C TYR A 45 -10.35 18.06 -14.23
N ASP A 46 -10.87 17.44 -15.28
CA ASP A 46 -12.30 17.40 -15.53
C ASP A 46 -12.59 16.29 -16.52
N MET A 47 -13.87 16.09 -16.83
CA MET A 47 -14.25 15.07 -17.80
C MET A 47 -13.50 15.24 -19.11
N ASN A 48 -13.40 16.47 -19.60
CA ASN A 48 -12.78 16.72 -20.91
C ASN A 48 -11.30 16.31 -20.91
N SER A 49 -10.55 16.74 -19.90
CA SER A 49 -9.14 16.37 -19.85
C SER A 49 -8.95 14.89 -19.57
N LEU A 50 -9.98 14.20 -19.06
CA LEU A 50 -9.87 12.76 -18.85
C LEU A 50 -9.90 11.99 -20.16
N MET A 51 -10.92 12.26 -21.00
CA MET A 51 -11.06 11.58 -22.29
C MET A 51 -9.99 11.97 -23.28
N MET A 52 -9.28 13.07 -23.04
CA MET A 52 -8.26 13.56 -23.94
C MET A 52 -6.93 12.88 -23.66
N VAL A 72 -18.74 8.13 -15.48
CA VAL A 72 -17.59 9.01 -15.34
C VAL A 72 -16.91 8.76 -14.00
N ALA A 73 -17.66 8.87 -12.90
CA ALA A 73 -17.14 8.37 -11.64
C ALA A 73 -16.96 6.85 -11.71
N ILE A 74 -17.87 6.17 -12.41
CA ILE A 74 -17.71 4.75 -12.71
C ILE A 74 -16.47 4.51 -13.56
N ARG A 75 -16.22 5.38 -14.53
CA ARG A 75 -15.05 5.24 -15.38
C ARG A 75 -13.78 5.27 -14.55
N ILE A 76 -13.61 6.32 -13.76
CA ILE A 76 -12.50 6.37 -12.79
C ILE A 76 -12.54 5.14 -11.90
N PHE A 77 -13.71 4.83 -11.33
CA PHE A 77 -13.79 3.74 -10.37
C PHE A 77 -13.36 2.41 -10.98
N GLN A 78 -13.76 2.16 -12.22
CA GLN A 78 -13.40 0.88 -12.81
C GLN A 78 -11.97 0.88 -13.30
N GLY A 79 -11.47 2.01 -13.80
CA GLY A 79 -10.10 2.06 -14.28
C GLY A 79 -9.10 1.97 -13.15
N CYS A 80 -9.51 2.38 -11.95
CA CYS A 80 -8.66 2.26 -10.78
C CYS A 80 -8.43 0.80 -10.39
N GLN A 81 -9.44 -0.06 -10.62
CA GLN A 81 -9.28 -1.48 -10.34
C GLN A 81 -8.14 -2.09 -11.14
N PHE A 82 -7.82 -1.50 -12.29
CA PHE A 82 -6.77 -2.06 -13.14
C PHE A 82 -5.45 -2.16 -12.38
N ARG A 83 -4.92 -1.02 -11.92
CA ARG A 83 -3.64 -1.03 -11.23
C ARG A 83 -3.74 -1.75 -9.89
N SER A 84 -4.93 -1.78 -9.32
CA SER A 84 -5.10 -2.40 -8.01
C SER A 84 -4.86 -3.89 -8.09
N VAL A 85 -5.42 -4.54 -9.12
CA VAL A 85 -5.18 -5.95 -9.39
C VAL A 85 -3.68 -6.20 -9.59
N GLU A 86 -3.04 -5.39 -10.43
CA GLU A 86 -1.60 -5.51 -10.66
C GLU A 86 -0.80 -5.31 -9.38
N ALA A 87 -1.28 -4.46 -8.48
CA ALA A 87 -0.51 -4.16 -7.28
C ALA A 87 -0.60 -5.31 -6.27
N VAL A 88 -1.75 -5.98 -6.17
CA VAL A 88 -1.83 -7.17 -5.32
C VAL A 88 -0.80 -8.20 -5.76
N GLN A 89 -0.58 -8.31 -7.07
CA GLN A 89 0.43 -9.23 -7.60
C GLN A 89 1.84 -8.80 -7.19
N GLU A 90 2.14 -7.51 -7.29
CA GLU A 90 3.46 -7.01 -6.91
C GLU A 90 3.71 -7.15 -5.41
N ILE A 91 2.71 -6.82 -4.59
CA ILE A 91 2.84 -6.97 -3.14
C ILE A 91 3.02 -8.44 -2.75
N THR A 92 2.25 -9.35 -3.37
CA THR A 92 2.42 -10.78 -3.15
C THR A 92 3.83 -11.25 -3.49
N GLU A 93 4.39 -10.78 -4.60
CA GLU A 93 5.76 -11.16 -4.90
C GLU A 93 6.73 -10.61 -3.87
N TYR A 94 6.56 -9.33 -3.49
CA TYR A 94 7.40 -8.75 -2.44
C TYR A 94 7.28 -9.51 -1.13
N ALA A 95 6.08 -9.96 -0.77
CA ALA A 95 5.92 -10.75 0.45
C ALA A 95 6.72 -12.03 0.39
N LYS A 96 6.69 -12.72 -0.76
CA LYS A 96 7.37 -14.00 -0.88
C LYS A 96 8.87 -13.88 -0.70
N SER A 97 9.43 -12.67 -0.80
CA SER A 97 10.84 -12.45 -0.60
C SER A 97 11.22 -12.06 0.83
N ILE A 98 10.24 -11.93 1.73
CA ILE A 98 10.50 -11.57 3.12
C ILE A 98 11.00 -12.82 3.85
N PRO A 99 12.21 -12.80 4.40
CA PRO A 99 12.79 -14.02 4.98
C PRO A 99 11.88 -14.65 6.02
N GLY A 100 11.62 -15.94 5.85
CA GLY A 100 10.68 -16.67 6.68
C GLY A 100 9.28 -16.74 6.14
N PHE A 101 8.89 -15.80 5.26
CA PHE A 101 7.49 -15.73 4.87
C PHE A 101 7.02 -16.98 4.15
N VAL A 102 7.82 -17.52 3.21
CA VAL A 102 7.29 -18.66 2.47
C VAL A 102 7.42 -19.96 3.26
N ASN A 103 8.04 -19.92 4.43
CA ASN A 103 8.04 -21.10 5.30
C ASN A 103 6.80 -21.18 6.17
N LEU A 104 5.94 -20.17 6.16
CA LEU A 104 4.77 -20.17 7.01
C LEU A 104 3.67 -21.04 6.41
N ASP A 105 2.78 -21.53 7.27
CA ASP A 105 1.60 -22.25 6.82
C ASP A 105 0.91 -21.46 5.72
N LEU A 106 0.67 -22.13 4.58
CA LEU A 106 0.15 -21.48 3.39
C LEU A 106 -1.21 -20.82 3.63
N ASN A 107 -1.99 -21.35 4.59
CA ASN A 107 -3.23 -20.68 4.97
C ASN A 107 -2.96 -19.31 5.58
N ASP A 108 -1.92 -19.19 6.42
CA ASP A 108 -1.62 -17.92 7.05
C ASP A 108 -1.00 -16.95 6.07
N GLN A 109 -0.33 -17.45 5.04
CA GLN A 109 0.14 -16.58 3.96
C GLN A 109 -1.03 -15.89 3.29
N VAL A 110 -2.14 -16.60 3.08
CA VAL A 110 -3.31 -15.97 2.48
C VAL A 110 -3.88 -14.90 3.41
N THR A 111 -3.98 -15.20 4.70
CA THR A 111 -4.55 -14.25 5.67
C THR A 111 -3.76 -12.95 5.71
N LEU A 112 -2.42 -13.05 5.76
CA LEU A 112 -1.61 -11.85 5.87
C LEU A 112 -1.74 -10.97 4.63
N LEU A 113 -1.84 -11.59 3.47
CA LEU A 113 -1.98 -10.81 2.25
C LEU A 113 -3.39 -10.24 2.12
N LYS A 114 -4.40 -11.04 2.46
CA LYS A 114 -5.78 -10.55 2.45
C LYS A 114 -5.92 -9.25 3.24
N TYR A 115 -5.42 -9.23 4.48
CA TYR A 115 -5.59 -8.06 5.35
C TYR A 115 -4.50 -6.99 5.16
N GLY A 116 -3.39 -7.31 4.49
CA GLY A 116 -2.34 -6.32 4.31
C GLY A 116 -2.26 -5.57 2.99
N VAL A 117 -2.81 -6.13 1.89
CA VAL A 117 -2.54 -5.52 0.58
C VAL A 117 -3.06 -4.09 0.53
N HIS A 118 -4.27 -3.85 1.04
CA HIS A 118 -4.84 -2.51 0.96
C HIS A 118 -4.03 -1.53 1.79
N GLU A 119 -3.58 -1.95 2.97
CA GLU A 119 -2.74 -1.09 3.78
C GLU A 119 -1.46 -0.73 3.07
N ILE A 120 -0.95 -1.67 2.26
CA ILE A 120 0.29 -1.41 1.54
C ILE A 120 0.04 -0.50 0.35
N ILE A 121 -1.10 -0.70 -0.34
CA ILE A 121 -1.49 0.22 -1.42
C ILE A 121 -1.50 1.65 -0.92
N TYR A 122 -2.12 1.88 0.25
CA TYR A 122 -2.29 3.24 0.73
C TYR A 122 -0.98 3.86 1.17
N THR A 123 -0.06 3.06 1.73
CA THR A 123 1.30 3.53 1.98
C THR A 123 1.99 3.93 0.67
N MET A 124 1.92 3.08 -0.35
CA MET A 124 2.61 3.40 -1.58
C MET A 124 1.90 4.54 -2.33
N LEU A 125 0.58 4.63 -2.17
CA LEU A 125 -0.15 5.72 -2.80
C LEU A 125 0.30 7.06 -2.26
N ALA A 126 0.63 7.14 -0.96
CA ALA A 126 1.08 8.40 -0.38
C ALA A 126 2.30 8.97 -1.09
N SER A 127 3.18 8.09 -1.57
CA SER A 127 4.40 8.53 -2.27
C SER A 127 4.07 9.29 -3.55
N LEU A 128 2.93 8.98 -4.16
CA LEU A 128 2.47 9.58 -5.41
C LEU A 128 1.55 10.76 -5.19
N MET A 129 1.45 11.29 -3.99
CA MET A 129 0.48 12.32 -3.64
C MET A 129 1.18 13.57 -3.12
N ASN A 130 0.58 14.73 -3.41
CA ASN A 130 0.91 15.92 -2.65
C ASN A 130 -0.40 16.56 -2.23
N LYS A 131 -0.35 17.76 -1.65
CA LYS A 131 -1.57 18.44 -1.26
C LYS A 131 -2.52 18.62 -2.43
N ASP A 132 -2.01 18.60 -3.66
CA ASP A 132 -2.77 19.06 -4.80
C ASP A 132 -3.23 17.95 -5.75
N GLY A 133 -2.68 16.75 -5.66
CA GLY A 133 -3.18 15.67 -6.48
C GLY A 133 -2.32 14.42 -6.40
N VAL A 134 -2.55 13.52 -7.35
CA VAL A 134 -1.99 12.18 -7.29
C VAL A 134 -1.53 11.73 -8.68
N LEU A 135 -0.30 11.24 -8.76
CA LEU A 135 0.20 10.64 -9.99
C LEU A 135 -0.52 9.33 -10.26
N ILE A 136 -0.79 9.08 -11.54
CA ILE A 136 -1.42 7.85 -11.98
C ILE A 136 -0.64 7.30 -13.16
N SER A 137 -0.99 6.07 -13.53
CA SER A 137 -0.37 5.33 -14.65
C SER A 137 1.16 5.45 -14.62
N GLU A 138 1.73 5.01 -13.49
CA GLU A 138 3.20 4.99 -13.31
C GLU A 138 3.82 6.36 -13.62
N GLY A 139 3.14 7.41 -13.19
CA GLY A 139 3.66 8.75 -13.35
C GLY A 139 3.36 9.44 -14.68
N GLN A 140 2.65 8.79 -15.61
CA GLN A 140 2.33 9.45 -16.87
C GLN A 140 1.08 10.31 -16.78
N GLY A 141 0.49 10.47 -15.61
CA GLY A 141 -0.66 11.34 -15.45
C GLY A 141 -0.69 11.91 -14.05
N PHE A 142 -1.50 12.94 -13.88
CA PHE A 142 -1.69 13.60 -12.58
C PHE A 142 -3.16 14.00 -12.49
N MET A 143 -3.87 13.38 -11.55
CA MET A 143 -5.26 13.69 -11.27
C MET A 143 -5.33 14.64 -10.09
N THR A 144 -6.12 15.69 -10.23
CA THR A 144 -6.16 16.71 -9.21
C THR A 144 -7.14 16.31 -8.11
N ARG A 145 -6.78 16.69 -6.88
CA ARG A 145 -7.64 16.43 -5.73
C ARG A 145 -8.98 17.12 -5.89
N GLU A 146 -9.00 18.33 -6.44
CA GLU A 146 -10.26 19.02 -6.65
C GLU A 146 -11.21 18.20 -7.51
N PHE A 147 -10.70 17.64 -8.62
CA PHE A 147 -11.56 16.89 -9.52
C PHE A 147 -12.11 15.63 -8.85
N LEU A 148 -11.27 14.89 -8.12
CA LEU A 148 -11.74 13.73 -7.38
C LEU A 148 -12.80 14.10 -6.35
N LYS A 149 -12.57 15.18 -5.60
CA LYS A 149 -13.51 15.61 -4.59
C LYS A 149 -14.83 16.09 -5.20
N SER A 150 -14.83 16.40 -6.49
CA SER A 150 -16.02 16.92 -7.17
C SER A 150 -16.85 15.85 -7.86
N LEU A 151 -16.47 14.58 -7.76
CA LEU A 151 -17.27 13.53 -8.37
C LEU A 151 -18.55 13.33 -7.58
N ARG A 152 -19.60 12.88 -8.29
CA ARG A 152 -20.92 12.72 -7.69
C ARG A 152 -20.88 11.85 -6.44
N LYS A 153 -21.71 12.21 -5.45
CA LYS A 153 -21.78 11.44 -4.22
C LYS A 153 -22.30 10.03 -4.53
N PRO A 154 -21.76 8.99 -3.88
CA PRO A 154 -20.74 9.04 -2.82
C PRO A 154 -19.31 8.90 -3.32
N PHE A 155 -19.11 8.95 -4.62
CA PHE A 155 -17.76 8.76 -5.15
C PHE A 155 -16.81 9.89 -4.78
N GLY A 156 -17.33 11.09 -4.55
CA GLY A 156 -16.47 12.23 -4.31
C GLY A 156 -15.66 12.15 -3.03
N ASP A 157 -16.08 11.31 -2.09
CA ASP A 157 -15.44 11.23 -0.78
C ASP A 157 -14.44 10.09 -0.67
N PHE A 158 -14.29 9.29 -1.72
CA PHE A 158 -13.47 8.08 -1.62
C PHE A 158 -11.99 8.39 -1.44
N MET A 159 -11.49 9.44 -2.09
CA MET A 159 -10.06 9.73 -2.08
C MET A 159 -9.64 10.70 -1.00
N GLU A 160 -10.55 11.55 -0.54
CA GLU A 160 -10.17 12.57 0.44
C GLU A 160 -9.51 11.98 1.69
N PRO A 161 -10.03 10.92 2.31
CA PRO A 161 -9.31 10.32 3.45
C PRO A 161 -7.91 9.83 3.11
N LYS A 162 -7.69 9.41 1.86
CA LYS A 162 -6.34 9.05 1.45
C LYS A 162 -5.46 10.29 1.36
N PHE A 163 -6.00 11.40 0.85
CA PHE A 163 -5.19 12.60 0.72
C PHE A 163 -4.79 13.15 2.10
N GLU A 164 -5.71 13.14 3.07
CA GLU A 164 -5.37 13.70 4.38
C GLU A 164 -4.39 12.80 5.13
N PHE A 165 -4.48 11.49 4.94
CA PHE A 165 -3.42 10.61 5.45
C PHE A 165 -2.08 10.82 4.74
N ALA A 166 -2.10 11.04 3.41
CA ALA A 166 -0.84 11.15 2.65
C ALA A 166 -0.05 12.39 3.02
N VAL A 167 -0.73 13.51 3.26
CA VAL A 167 -0.02 14.74 3.60
C VAL A 167 0.66 14.63 4.97
N LYS A 168 -0.01 14.02 5.95
CA LYS A 168 0.61 13.77 7.26
C LYS A 168 1.76 12.77 7.14
N PHE A 169 1.55 11.69 6.39
CA PHE A 169 2.56 10.65 6.28
C PHE A 169 3.79 11.12 5.49
N ASN A 170 3.60 11.98 4.48
CA ASN A 170 4.75 12.46 3.73
C ASN A 170 5.58 13.46 4.52
N ALA A 171 4.99 14.11 5.51
CA ALA A 171 5.79 14.98 6.37
C ALA A 171 6.73 14.20 7.27
N LEU A 172 6.63 12.87 7.33
CA LEU A 172 7.69 12.10 7.98
C LEU A 172 8.94 12.00 7.09
N GLU A 173 8.79 12.14 5.77
CA GLU A 173 9.92 12.20 4.84
C GLU A 173 10.73 10.90 4.86
N LEU A 174 10.03 9.77 4.79
CA LEU A 174 10.71 8.50 4.61
C LEU A 174 11.20 8.34 3.17
N ASP A 175 12.27 7.58 3.00
CA ASP A 175 12.66 7.21 1.64
C ASP A 175 12.37 5.72 1.43
N ASP A 176 12.62 5.27 0.20
CA ASP A 176 12.31 3.90 -0.19
C ASP A 176 12.98 2.88 0.70
N SER A 177 14.22 3.13 1.13
CA SER A 177 14.90 2.17 2.00
C SER A 177 14.17 2.04 3.35
N ASP A 178 13.63 3.14 3.89
CA ASP A 178 12.74 3.04 5.06
C ASP A 178 11.44 2.31 4.74
N LEU A 179 10.83 2.62 3.59
CA LEU A 179 9.52 2.07 3.25
C LEU A 179 9.58 0.57 3.00
N ALA A 180 10.70 0.08 2.50
CA ALA A 180 10.83 -1.35 2.25
C ALA A 180 10.59 -2.15 3.52
N ILE A 181 11.22 -1.75 4.62
CA ILE A 181 11.07 -2.48 5.88
C ILE A 181 9.70 -2.20 6.50
N PHE A 182 9.19 -0.98 6.34
CA PHE A 182 7.91 -0.63 6.93
C PHE A 182 6.77 -1.46 6.36
N ILE A 183 6.76 -1.67 5.03
CA ILE A 183 5.67 -2.46 4.47
C ILE A 183 5.87 -3.94 4.79
N ALA A 184 7.12 -4.40 4.97
CA ALA A 184 7.32 -5.74 5.49
C ALA A 184 6.70 -5.91 6.88
N VAL A 185 6.86 -4.90 7.75
CA VAL A 185 6.28 -4.94 9.08
C VAL A 185 4.76 -5.00 9.03
N ILE A 186 4.17 -4.33 8.04
CA ILE A 186 2.71 -4.34 7.89
C ILE A 186 2.21 -5.70 7.45
N ILE A 187 2.95 -6.38 6.58
CA ILE A 187 2.49 -7.68 6.11
C ILE A 187 2.52 -8.70 7.22
N LEU A 188 3.53 -8.64 8.09
CA LEU A 188 3.71 -9.63 9.14
C LEU A 188 3.01 -9.23 10.44
N SER A 189 1.73 -8.86 10.40
CA SER A 189 1.03 -8.50 11.63
C SER A 189 0.45 -9.75 12.27
N GLY A 190 0.76 -9.93 13.56
CA GLY A 190 0.37 -11.14 14.27
C GLY A 190 -1.08 -11.16 14.72
N ASP A 191 -1.79 -10.03 14.63
CA ASP A 191 -3.16 -9.95 15.12
C ASP A 191 -4.19 -9.97 13.99
N ARG A 192 -3.87 -10.56 12.86
CA ARG A 192 -4.89 -10.59 11.82
C ARG A 192 -5.95 -11.63 12.19
N PRO A 193 -7.21 -11.42 11.79
CA PRO A 193 -8.23 -12.41 12.11
C PRO A 193 -7.99 -13.70 11.35
N GLY A 194 -8.20 -14.82 12.02
CA GLY A 194 -8.13 -16.13 11.41
C GLY A 194 -6.75 -16.75 11.31
N LEU A 195 -5.70 -16.08 11.80
CA LEU A 195 -4.35 -16.62 11.69
C LEU A 195 -4.23 -17.93 12.47
N LEU A 196 -3.63 -18.94 11.84
CA LEU A 196 -3.61 -20.25 12.47
C LEU A 196 -2.54 -20.36 13.54
N ASN A 197 -1.36 -19.85 13.29
CA ASN A 197 -0.21 -20.06 14.17
C ASN A 197 0.55 -18.73 14.21
N VAL A 198 0.28 -17.92 15.24
CA VAL A 198 0.81 -16.57 15.24
C VAL A 198 2.27 -16.55 15.69
N LYS A 199 2.70 -17.48 16.54
CA LYS A 199 4.07 -17.48 17.08
C LYS A 199 5.14 -17.28 16.01
N PRO A 200 5.19 -18.04 14.91
CA PRO A 200 6.20 -17.76 13.89
C PRO A 200 6.02 -16.43 13.16
N ILE A 201 4.79 -15.93 13.02
CA ILE A 201 4.61 -14.64 12.39
C ILE A 201 5.16 -13.52 13.29
N GLU A 202 4.87 -13.60 14.59
CA GLU A 202 5.30 -12.55 15.51
C GLU A 202 6.81 -12.50 15.66
N ASP A 203 7.50 -13.62 15.50
CA ASP A 203 8.95 -13.63 15.66
C ASP A 203 9.67 -13.08 14.43
N ILE A 204 9.04 -13.09 13.26
CA ILE A 204 9.58 -12.41 12.08
C ILE A 204 9.36 -10.90 12.16
N GLN A 205 8.17 -10.47 12.60
CA GLN A 205 7.89 -9.04 12.70
C GLN A 205 8.75 -8.37 13.76
N ASP A 206 8.93 -9.02 14.90
CA ASP A 206 9.81 -8.46 15.92
C ASP A 206 11.19 -8.20 15.34
N ASN A 207 11.66 -9.11 14.50
CA ASN A 207 12.97 -8.99 13.87
C ASN A 207 12.98 -7.89 12.80
N LEU A 208 11.88 -7.72 12.08
CA LEU A 208 11.75 -6.64 11.11
C LEU A 208 11.59 -5.28 11.78
N LEU A 209 10.83 -5.22 12.89
CA LEU A 209 10.73 -4.00 13.68
C LEU A 209 12.10 -3.56 14.17
N GLN A 210 12.95 -4.53 14.54
CA GLN A 210 14.32 -4.26 14.93
C GLN A 210 15.13 -3.71 13.77
N ALA A 211 14.89 -4.20 12.56
CA ALA A 211 15.60 -3.67 11.40
C ALA A 211 15.13 -2.25 11.10
N LEU A 212 13.82 -2.01 11.19
CA LEU A 212 13.28 -0.68 10.96
C LEU A 212 13.82 0.31 11.98
N GLU A 213 13.76 -0.04 13.27
CA GLU A 213 14.28 0.85 14.32
C GLU A 213 15.72 1.25 14.04
N LEU A 214 16.55 0.28 13.63
CA LEU A 214 17.97 0.55 13.38
C LEU A 214 18.14 1.38 12.10
N GLN A 215 17.36 1.06 11.06
CA GLN A 215 17.41 1.82 9.82
C GLN A 215 17.05 3.29 10.03
N LEU A 216 15.99 3.56 10.79
CA LEU A 216 15.63 4.95 11.07
C LEU A 216 16.69 5.66 11.92
N LYS A 217 17.38 4.94 12.82
CA LYS A 217 18.47 5.57 13.56
C LYS A 217 19.59 5.98 12.61
N LEU A 218 19.86 5.13 11.61
CA LEU A 218 20.95 5.40 10.67
C LEU A 218 20.55 6.44 9.63
N ASN A 219 19.35 6.28 9.06
CA ASN A 219 18.92 7.13 7.96
C ASN A 219 18.49 8.51 8.43
N HIS A 220 18.08 8.64 9.69
CA HIS A 220 17.56 9.92 10.21
C HIS A 220 18.09 10.12 11.62
N PRO A 221 19.41 10.25 11.79
CA PRO A 221 19.96 10.38 13.16
C PRO A 221 19.46 11.60 13.92
N GLU A 222 18.75 12.52 13.25
CA GLU A 222 18.27 13.75 13.85
C GLU A 222 16.85 13.64 14.39
N SER A 223 16.01 12.76 13.84
CA SER A 223 14.61 12.64 14.25
C SER A 223 14.51 11.63 15.39
N SER A 224 14.50 12.14 16.62
CA SER A 224 14.59 11.32 17.82
C SER A 224 13.57 10.19 17.82
N GLN A 225 12.30 10.51 17.59
CA GLN A 225 11.22 9.56 17.81
C GLN A 225 10.48 9.23 16.53
N LEU A 226 11.20 9.14 15.42
CA LEU A 226 10.57 8.84 14.14
C LEU A 226 9.99 7.42 14.14
N PHE A 227 10.68 6.48 14.78
CA PHE A 227 10.13 5.13 14.94
C PHE A 227 8.73 5.18 15.59
N ALA A 228 8.64 5.84 16.74
CA ALA A 228 7.36 5.98 17.45
C ALA A 228 6.31 6.64 16.56
N LYS A 229 6.67 7.74 15.90
CA LYS A 229 5.77 8.39 14.95
C LYS A 229 5.31 7.43 13.86
N LEU A 230 6.25 6.66 13.30
CA LEU A 230 5.92 5.76 12.21
C LEU A 230 4.99 4.63 12.68
N LEU A 231 5.29 4.03 13.84
CA LEU A 231 4.44 2.96 14.34
C LEU A 231 3.00 3.40 14.49
N GLN A 232 2.77 4.66 14.90
CA GLN A 232 1.39 5.10 15.08
C GLN A 232 0.66 5.27 13.77
N LYS A 233 1.37 5.37 12.65
CA LYS A 233 0.72 5.46 11.35
C LYS A 233 0.06 4.14 10.96
N MET A 234 0.61 3.01 11.45
CA MET A 234 0.09 1.70 11.08
C MET A 234 -1.37 1.53 11.48
N THR A 235 -1.76 2.11 12.62
CA THR A 235 -3.16 2.13 13.01
C THR A 235 -3.99 3.08 12.15
N ASP A 236 -3.43 4.23 11.75
CA ASP A 236 -4.10 5.07 10.75
C ASP A 236 -4.48 4.27 9.51
N LEU A 237 -3.55 3.47 8.98
CA LEU A 237 -3.84 2.72 7.77
C LEU A 237 -5.02 1.79 7.98
N ARG A 238 -4.97 1.00 9.06
CA ARG A 238 -6.03 0.05 9.42
C ARG A 238 -7.42 0.68 9.36
N GLN A 239 -7.54 1.95 9.77
CA GLN A 239 -8.85 2.61 9.80
C GLN A 239 -9.24 3.24 8.47
N ILE A 240 -8.27 3.62 7.65
CA ILE A 240 -8.57 4.00 6.27
C ILE A 240 -9.19 2.80 5.53
N VAL A 241 -8.64 1.60 5.76
CA VAL A 241 -9.16 0.41 5.11
C VAL A 241 -10.55 0.08 5.63
N THR A 242 -10.75 0.22 6.95
CA THR A 242 -12.06 0.02 7.52
C THR A 242 -13.08 0.99 6.94
N GLU A 243 -12.72 2.28 6.88
CA GLU A 243 -13.66 3.29 6.39
C GLU A 243 -13.90 3.16 4.89
N HIS A 244 -12.88 2.72 4.15
CA HIS A 244 -13.03 2.43 2.73
C HIS A 244 -14.01 1.28 2.50
N VAL A 245 -13.86 0.18 3.25
CA VAL A 245 -14.71 -0.99 3.06
C VAL A 245 -16.17 -0.64 3.33
N GLN A 246 -16.43 0.12 4.40
CA GLN A 246 -17.79 0.55 4.69
C GLN A 246 -18.32 1.47 3.60
N LEU A 247 -17.45 2.30 3.01
CA LEU A 247 -17.85 3.16 1.91
C LEU A 247 -18.18 2.35 0.67
N LEU A 248 -17.49 1.22 0.46
CA LEU A 248 -17.70 0.43 -0.74
C LEU A 248 -18.95 -0.43 -0.66
N GLN A 249 -19.36 -0.84 0.55
CA GLN A 249 -20.60 -1.59 0.71
C GLN A 249 -21.81 -0.78 0.25
N VAL A 250 -21.79 0.53 0.48
CA VAL A 250 -22.91 1.38 0.06
C VAL A 250 -23.02 1.44 -1.45
N ILE A 251 -21.88 1.58 -2.14
CA ILE A 251 -21.87 1.57 -3.60
C ILE A 251 -22.51 0.29 -4.12
N LYS A 252 -21.98 -0.87 -3.70
CA LYS A 252 -22.53 -2.13 -4.17
C LYS A 252 -24.03 -2.23 -3.90
N LYS A 253 -24.50 -1.59 -2.82
CA LYS A 253 -25.94 -1.60 -2.53
C LYS A 253 -26.71 -0.68 -3.46
N THR A 254 -26.16 0.48 -3.77
CA THR A 254 -26.89 1.51 -4.51
C THR A 254 -26.36 1.75 -5.92
N GLU A 255 -25.21 1.18 -6.28
CA GLU A 255 -24.60 1.38 -7.60
C GLU A 255 -24.48 0.04 -8.32
N THR A 256 -25.39 -0.21 -9.25
CA THR A 256 -25.29 -1.36 -10.13
C THR A 256 -24.70 -0.94 -11.48
N SER A 259 -19.17 -3.42 -11.80
CA SER A 259 -18.59 -4.73 -11.52
C SER A 259 -17.28 -4.61 -10.74
N LEU A 260 -16.84 -5.73 -10.16
CA LEU A 260 -15.61 -5.79 -9.39
C LEU A 260 -14.77 -6.98 -9.83
N HIS A 261 -13.48 -6.75 -9.97
CA HIS A 261 -12.57 -7.78 -10.41
C HIS A 261 -12.56 -8.94 -9.42
N PRO A 262 -12.57 -10.19 -9.90
CA PRO A 262 -12.69 -11.35 -9.00
C PRO A 262 -11.64 -11.42 -7.89
N LEU A 263 -10.45 -10.82 -8.11
CA LEU A 263 -9.41 -10.88 -7.09
C LEU A 263 -9.64 -9.82 -6.03
N LEU A 264 -10.16 -8.67 -6.44
CA LEU A 264 -10.70 -7.72 -5.47
C LEU A 264 -11.90 -8.33 -4.75
N GLN A 265 -12.75 -9.06 -5.47
CA GLN A 265 -13.86 -9.77 -4.83
C GLN A 265 -13.36 -10.74 -3.75
N GLU A 266 -12.34 -11.54 -4.07
CA GLU A 266 -11.89 -12.55 -3.11
C GLU A 266 -11.20 -11.92 -1.91
N ILE A 267 -10.59 -10.76 -2.08
CA ILE A 267 -9.95 -10.11 -0.94
C ILE A 267 -10.99 -9.43 -0.05
N TYR A 268 -12.01 -8.82 -0.64
CA TYR A 268 -13.01 -8.09 0.14
C TYR A 268 -14.00 -9.00 0.85
N LYS A 269 -14.20 -10.24 0.39
CA LYS A 269 -15.21 -11.10 0.99
C LYS A 269 -14.82 -11.48 2.41
N ASP A 270 -15.77 -11.30 3.34
CA ASP A 270 -15.55 -11.55 4.77
C ASP A 270 -14.38 -10.74 5.32
N LEU A 271 -14.12 -9.56 4.75
CA LEU A 271 -13.03 -8.69 5.21
C LEU A 271 -13.58 -7.51 6.02
N SER B 7 -8.68 -24.27 4.06
CA SER B 7 -9.92 -23.63 3.65
C SER B 7 -9.69 -22.17 3.30
N LEU B 8 -8.64 -21.58 3.87
CA LEU B 8 -8.25 -20.25 3.42
C LEU B 8 -7.79 -20.27 1.98
N THR B 9 -6.98 -21.27 1.62
CA THR B 9 -6.53 -21.41 0.24
C THR B 9 -7.62 -21.90 -0.68
N GLU B 10 -8.70 -22.48 -0.14
CA GLU B 10 -9.82 -22.85 -0.99
C GLU B 10 -10.78 -21.69 -1.20
N ARG B 11 -10.84 -20.76 -0.25
CA ARG B 11 -11.71 -19.59 -0.36
C ARG B 11 -10.98 -18.40 -0.98
N HIS B 12 -9.78 -18.61 -1.52
CA HIS B 12 -8.98 -17.56 -2.13
C HIS B 12 -8.16 -18.16 -3.27
N LYS B 13 -8.83 -18.72 -4.29
CA LYS B 13 -8.12 -19.49 -5.30
C LYS B 13 -7.14 -18.62 -6.10
N ILE B 14 -7.53 -17.40 -6.44
CA ILE B 14 -6.61 -16.53 -7.17
C ILE B 14 -5.39 -16.19 -6.30
N LEU B 15 -5.64 -15.68 -5.09
CA LEU B 15 -4.54 -15.39 -4.16
C LEU B 15 -3.67 -16.63 -3.89
N HIS B 16 -4.31 -17.78 -3.62
CA HIS B 16 -3.55 -18.99 -3.36
C HIS B 16 -2.65 -19.36 -4.54
N ARG B 17 -3.12 -19.14 -5.76
CA ARG B 17 -2.31 -19.47 -6.92
C ARG B 17 -1.18 -18.47 -7.14
N LEU B 18 -1.38 -17.19 -6.78
CA LEU B 18 -0.27 -16.24 -6.86
C LEU B 18 0.84 -16.56 -5.87
N LEU B 19 0.58 -17.39 -4.86
CA LEU B 19 1.58 -17.72 -3.85
C LEU B 19 2.43 -18.93 -4.21
N GLN B 20 1.89 -19.86 -5.00
CA GLN B 20 2.60 -21.08 -5.34
C GLN B 20 3.64 -20.86 -6.45
C10 AE0 C . -6.05 5.45 -11.85
C13 AE0 C . -7.29 5.92 -13.79
C15 AE0 C . -5.18 4.14 -9.12
C20 AE0 C . -2.61 2.98 -7.38
C21 AE0 C . -1.28 2.71 -7.06
C22 AE0 C . -0.90 1.43 -6.70
C24 AE0 C . -3.14 0.67 -6.93
C26 AE0 C . 0.70 0.25 -5.24
C28 AE0 C . 3.07 0.30 -5.54
C01 AE0 C . -9.81 2.55 -4.44
C02 AE0 C . -8.30 2.71 -4.18
C03 AE0 C . -7.71 3.91 -4.90
C04 AE0 C . -6.29 3.66 -5.38
C05 AE0 C . -6.06 4.30 -6.74
C07 AE0 C . -6.26 6.32 -8.26
C08 AE0 C . -5.62 5.54 -9.35
C09 AE0 C . -5.39 6.19 -10.70
C14 AE0 C . -8.00 7.19 -14.25
C18 AE0 C . -4.99 2.16 -7.63
C19 AE0 C . -3.53 1.94 -7.31
C23 AE0 C . -1.83 0.42 -6.62
C25 AE0 C . 0.55 1.08 -6.34
C27 AE0 C . 1.96 -0.14 -4.84
C29 AE0 C . 2.91 1.12 -6.64
C30 AE0 C . 1.65 1.53 -7.06
C31 AE0 C . 1.57 2.41 -8.33
C34 AE0 C . 0.89 3.19 -10.44
C37 AE0 C . -6.69 7.75 -8.56
C38 AE0 C . -6.66 8.59 -7.28
C39 AE0 C . -8.09 7.74 -9.16
N06 AE0 C . -6.49 5.70 -6.96
N17 AE0 C . -5.39 3.54 -7.83
N32 AE0 C . 2.44 3.50 -8.74
N36 AE0 C . 0.63 2.22 -9.40
O11 AE0 C . -5.53 4.47 -12.28
O12 AE0 C . -7.25 5.92 -12.39
O16 AE0 C . -4.66 3.55 -10.01
O33 AE0 C . 2.00 3.98 -10.02
O35 AE0 C . 0.26 3.32 -11.44
#